data_5CM3
#
_entry.id   5CM3
#
_cell.length_a   44.540
_cell.length_b   115.100
_cell.length_c   49.930
_cell.angle_alpha   90.000
_cell.angle_beta   113.810
_cell.angle_gamma   90.000
#
_symmetry.space_group_name_H-M   'P 1 21 1'
#
loop_
_entity.id
_entity.type
_entity.pdbx_description
1 polymer 'TrfB transcriptional repressor protein'
2 polymer "5'-D(CP*CP*AP*AP*GP*TP*TP*TP*AP*GP*CP*TP*AP*AP*AP*CP*TP*TP*GP*GP*)-3'"
3 water water
#
loop_
_entity_poly.entity_id
_entity_poly.type
_entity_poly.pdbx_seq_one_letter_code
_entity_poly.pdbx_strand_id
1 'polypeptide(L)'
;MKKRLTESQFQEAIQGLEVGQQTIEIARGVLVDGKPQATFATSLGLTRGAVSQAVHRVWAAFEDKNLPEGYARVTAVLPE
HQAYIVRKWEADAKKKQ
;
A,B
2 'polydeoxyribonucleotide' (DC)(DC)(DA)(DA)(DG)(DT)(DT)(DT)(DA)(DG)(DC)(DT)(DA)(DA)(DA)(DC)(DT)(DT)(DG)(DG) C,D
#
loop_
_chem_comp.id
_chem_comp.type
_chem_comp.name
_chem_comp.formula
DA DNA linking 2'-DEOXYADENOSINE-5'-MONOPHOSPHATE 'C10 H14 N5 O6 P'
DC DNA linking 2'-DEOXYCYTIDINE-5'-MONOPHOSPHATE 'C9 H14 N3 O7 P'
DG DNA linking 2'-DEOXYGUANOSINE-5'-MONOPHOSPHATE 'C10 H14 N5 O7 P'
DT DNA linking THYMIDINE-5'-MONOPHOSPHATE 'C10 H15 N2 O8 P'
#
# COMPACT_ATOMS: atom_id res chain seq x y z
N MET A 1 23.51 0.46 -3.80
CA MET A 1 24.76 1.26 -3.55
C MET A 1 24.46 2.76 -3.65
N LYS A 2 23.73 3.14 -4.70
CA LYS A 2 23.12 4.48 -4.83
C LYS A 2 21.86 4.50 -3.96
N LYS A 3 21.42 5.69 -3.49
CA LYS A 3 20.23 5.91 -2.64
C LYS A 3 20.74 6.16 -1.17
N ARG A 4 20.80 7.43 -0.74
CA ARG A 4 21.50 7.83 0.48
C ARG A 4 21.00 9.07 1.23
N LEU A 5 21.23 9.07 2.55
CA LEU A 5 20.90 10.23 3.41
C LEU A 5 22.09 10.73 4.19
N THR A 6 21.97 11.96 4.69
CA THR A 6 22.85 12.47 5.71
C THR A 6 22.24 12.06 7.02
N GLU A 7 23.02 12.19 8.08
CA GLU A 7 22.51 11.98 9.43
C GLU A 7 21.34 12.92 9.70
N SER A 8 21.42 14.14 9.18
CA SER A 8 20.39 15.13 9.45
C SER A 8 19.12 14.74 8.70
N GLN A 9 19.28 14.35 7.44
CA GLN A 9 18.16 13.80 6.68
C GLN A 9 17.58 12.55 7.33
N PHE A 10 18.45 11.71 7.88
CA PHE A 10 18.05 10.45 8.47
C PHE A 10 17.23 10.72 9.72
N GLN A 11 17.68 11.71 10.50
CA GLN A 11 17.01 12.01 11.78
C GLN A 11 15.62 12.57 11.47
N GLU A 12 15.50 13.29 10.39
CA GLU A 12 14.19 13.79 10.02
C GLU A 12 13.32 12.57 9.69
N ALA A 13 13.86 11.68 8.86
CA ALA A 13 13.11 10.52 8.40
C ALA A 13 12.52 9.74 9.58
N ILE A 14 13.33 9.47 10.60
CA ILE A 14 12.89 8.57 11.67
C ILE A 14 12.11 9.27 12.78
N GLN A 15 12.03 10.59 12.70
CA GLN A 15 11.29 11.36 13.71
C GLN A 15 9.80 11.06 13.54
N GLY A 16 9.09 10.72 14.63
CA GLY A 16 7.69 10.33 14.55
C GLY A 16 7.48 8.88 14.09
N LEU A 17 8.45 8.35 13.37
CA LEU A 17 8.30 7.06 12.70
C LEU A 17 8.27 5.97 13.74
N GLU A 18 7.32 5.04 13.59
CA GLU A 18 7.10 4.00 14.59
C GLU A 18 7.80 2.73 14.12
N VAL A 19 9.09 2.63 14.41
CA VAL A 19 9.87 1.43 14.07
C VAL A 19 10.85 1.08 15.13
N GLY A 20 11.22 -0.19 15.18
CA GLY A 20 12.15 -0.67 16.19
C GLY A 20 13.58 -0.28 15.89
N GLN A 21 14.45 -0.61 16.83
CA GLN A 21 15.84 -0.18 16.78
C GLN A 21 16.60 -0.92 15.70
N GLN A 22 16.24 -2.17 15.45
CA GLN A 22 16.93 -2.95 14.42
C GLN A 22 16.78 -2.26 13.06
N THR A 23 15.53 -1.96 12.71
CA THR A 23 15.20 -1.23 11.47
C THR A 23 16.03 0.06 11.37
N ILE A 24 16.06 0.82 12.45
CA ILE A 24 16.82 2.06 12.46
C ILE A 24 18.31 1.82 12.17
N GLU A 25 18.89 0.85 12.87
CA GLU A 25 20.32 0.59 12.75
C GLU A 25 20.64 0.14 11.34
N ILE A 26 19.82 -0.77 10.79
CA ILE A 26 20.02 -1.23 9.43
C ILE A 26 19.95 -0.06 8.46
N ALA A 27 18.91 0.77 8.59
CA ALA A 27 18.74 1.87 7.67
C ALA A 27 19.88 2.85 7.76
N ARG A 28 20.44 3.04 8.96
CA ARG A 28 21.51 4.03 9.07
C ARG A 28 22.76 3.49 8.42
N GLY A 29 23.05 2.23 8.71
CA GLY A 29 24.24 1.62 8.16
C GLY A 29 24.21 1.66 6.65
N VAL A 30 23.01 1.53 6.07
CA VAL A 30 22.90 1.47 4.62
C VAL A 30 22.79 2.85 4.02
N LEU A 31 21.85 3.63 4.52
CA LEU A 31 21.54 4.93 3.92
C LEU A 31 22.57 6.01 4.28
N VAL A 32 23.11 5.94 5.49
CA VAL A 32 24.03 6.97 5.96
C VAL A 32 25.47 6.56 5.81
N ASP A 33 25.78 5.30 6.10
CA ASP A 33 27.16 4.81 6.13
C ASP A 33 27.55 4.10 4.82
N GLY A 34 26.58 3.93 3.92
CA GLY A 34 26.86 3.31 2.64
C GLY A 34 27.24 1.84 2.70
N LYS A 35 26.96 1.16 3.80
CA LYS A 35 27.21 -0.30 3.86
C LYS A 35 26.15 -1.12 3.08
N PRO A 36 26.57 -2.27 2.51
CA PRO A 36 25.61 -3.11 1.76
C PRO A 36 24.51 -3.73 2.60
N GLN A 37 23.29 -3.78 2.06
CA GLN A 37 22.18 -4.44 2.76
C GLN A 37 22.56 -5.86 3.13
N ALA A 38 23.39 -6.47 2.29
CA ALA A 38 23.74 -7.88 2.47
C ALA A 38 24.49 -8.20 3.78
N THR A 39 25.29 -7.27 4.31
CA THR A 39 26.04 -7.53 5.52
C THR A 39 25.12 -7.51 6.77
N PHE A 40 23.96 -6.87 6.66
CA PHE A 40 22.96 -6.92 7.73
C PHE A 40 22.10 -8.16 7.66
N ALA A 41 21.86 -8.65 6.45
CA ALA A 41 21.16 -9.92 6.28
C ALA A 41 22.01 -11.02 6.93
N THR A 42 23.29 -11.02 6.57
CA THR A 42 24.21 -12.03 7.05
C THR A 42 24.29 -11.94 8.57
N SER A 43 24.62 -10.75 9.06
CA SER A 43 24.93 -10.56 10.46
C SER A 43 23.72 -10.84 11.33
N LEU A 44 22.53 -10.50 10.85
CA LEU A 44 21.32 -10.65 11.66
C LEU A 44 20.52 -11.93 11.36
N GLY A 45 20.96 -12.72 10.40
CA GLY A 45 20.33 -13.99 10.09
C GLY A 45 18.98 -13.79 9.44
N LEU A 46 18.92 -12.78 8.58
CA LEU A 46 17.67 -12.31 7.99
C LEU A 46 17.76 -12.42 6.50
N THR A 47 16.63 -12.72 5.85
CA THR A 47 16.59 -12.67 4.39
C THR A 47 16.84 -11.26 3.89
N ARG A 48 17.24 -11.18 2.64
CA ARG A 48 17.55 -9.93 1.99
CA ARG A 48 17.55 -9.91 2.02
C ARG A 48 16.28 -9.11 1.79
N GLY A 49 15.18 -9.82 1.63
CA GLY A 49 13.91 -9.15 1.50
C GLY A 49 13.57 -8.37 2.76
N ALA A 50 13.76 -8.97 3.94
CA ALA A 50 13.48 -8.26 5.18
C ALA A 50 14.32 -6.97 5.28
N VAL A 51 15.58 -7.04 4.86
CA VAL A 51 16.48 -5.88 5.01
C VAL A 51 16.11 -4.80 4.03
N SER A 52 15.65 -5.19 2.85
CA SER A 52 15.27 -4.20 1.84
C SER A 52 14.05 -3.45 2.36
N GLN A 53 13.11 -4.16 2.96
CA GLN A 53 11.93 -3.51 3.56
C GLN A 53 12.30 -2.56 4.71
N ALA A 54 13.24 -2.96 5.56
CA ALA A 54 13.65 -2.09 6.66
C ALA A 54 14.15 -0.74 6.15
N VAL A 55 14.98 -0.79 5.11
CA VAL A 55 15.63 0.37 4.53
C VAL A 55 14.59 1.20 3.83
N HIS A 56 13.73 0.50 3.11
CA HIS A 56 12.61 1.12 2.45
C HIS A 56 11.70 1.95 3.38
N ARG A 57 11.37 1.43 4.56
CA ARG A 57 10.52 2.17 5.48
C ARG A 57 11.10 3.53 5.79
N VAL A 58 12.41 3.60 5.99
CA VAL A 58 13.02 4.86 6.40
C VAL A 58 13.12 5.73 5.17
N TRP A 59 13.40 5.10 4.03
CA TRP A 59 13.43 5.86 2.77
C TRP A 59 12.10 6.52 2.48
N ALA A 60 11.05 5.72 2.44
CA ALA A 60 9.71 6.19 2.20
C ALA A 60 9.35 7.34 3.14
N ALA A 61 9.72 7.20 4.41
CA ALA A 61 9.35 8.18 5.41
C ALA A 61 9.98 9.55 5.08
N PHE A 62 11.24 9.52 4.65
CA PHE A 62 11.96 10.70 4.25
C PHE A 62 11.32 11.36 3.04
N GLU A 63 10.85 10.56 2.10
CA GLU A 63 10.21 11.11 0.90
C GLU A 63 8.86 11.75 1.23
N ASP A 64 8.10 11.09 2.09
CA ASP A 64 6.79 11.63 2.47
C ASP A 64 6.93 12.99 3.17
N LYS A 65 8.14 13.29 3.63
CA LYS A 65 8.44 14.56 4.31
C LYS A 65 9.16 15.59 3.40
N ASN A 66 9.58 15.15 2.22
CA ASN A 66 10.26 16.02 1.27
C ASN A 66 9.50 16.13 -0.06
N LEU A 67 8.18 16.20 0.03
CA LEU A 67 7.39 16.41 -1.16
C LEU A 67 7.61 17.85 -1.54
N PRO A 68 7.58 18.15 -2.84
CA PRO A 68 7.80 19.55 -3.26
C PRO A 68 6.94 20.51 -2.47
N GLU A 69 7.45 21.71 -2.18
CA GLU A 69 6.74 22.68 -1.34
C GLU A 69 5.31 23.00 -1.83
N GLY A 70 4.35 22.88 -0.92
CA GLY A 70 2.96 23.21 -1.18
C GLY A 70 2.14 22.01 -1.63
N TYR A 71 2.84 20.94 -2.00
CA TYR A 71 2.19 19.83 -2.67
C TYR A 71 1.54 18.89 -1.67
N ALA A 72 0.43 18.26 -2.09
CA ALA A 72 -0.23 17.30 -1.24
C ALA A 72 -0.42 15.97 -1.97
N ARG A 73 -0.41 14.88 -1.20
CA ARG A 73 -0.77 13.62 -1.76
C ARG A 73 -2.30 13.54 -1.77
N VAL A 74 -2.87 13.05 -2.87
CA VAL A 74 -4.29 12.80 -2.88
C VAL A 74 -4.70 11.44 -3.50
N THR A 75 -5.74 10.83 -2.94
CA THR A 75 -6.32 9.60 -3.49
C THR A 75 -7.81 9.65 -3.50
N ALA A 76 -8.36 9.17 -4.60
CA ALA A 76 -9.79 9.17 -4.76
C ALA A 76 -10.20 8.27 -5.92
N VAL A 77 -11.43 7.80 -5.88
CA VAL A 77 -11.99 7.08 -7.03
C VAL A 77 -12.66 8.12 -7.92
N LEU A 78 -12.21 8.21 -9.17
CA LEU A 78 -12.70 9.21 -10.10
C LEU A 78 -13.22 8.61 -11.37
N PRO A 79 -14.16 9.29 -12.02
CA PRO A 79 -14.58 8.83 -13.35
C PRO A 79 -13.41 8.95 -14.29
N GLU A 80 -13.54 8.28 -15.42
CA GLU A 80 -12.47 8.07 -16.36
C GLU A 80 -11.72 9.34 -16.82
N HIS A 81 -12.45 10.38 -17.21
CA HIS A 81 -11.84 11.58 -17.78
CA HIS A 81 -11.85 11.58 -17.78
CA HIS A 81 -11.82 11.57 -17.78
C HIS A 81 -11.09 12.37 -16.70
N GLN A 82 -11.71 12.52 -15.53
CA GLN A 82 -11.08 13.17 -14.37
C GLN A 82 -9.83 12.39 -13.93
N ALA A 83 -9.91 11.07 -13.98
CA ALA A 83 -8.74 10.22 -13.70
C ALA A 83 -7.63 10.40 -14.74
N TYR A 84 -8.02 10.43 -16.01
CA TYR A 84 -7.08 10.69 -17.10
C TYR A 84 -6.33 11.99 -16.84
N ILE A 85 -7.04 13.00 -16.35
CA ILE A 85 -6.44 14.33 -16.15
C ILE A 85 -5.37 14.27 -15.07
N VAL A 86 -5.65 13.56 -13.99
CA VAL A 86 -4.64 13.38 -12.96
C VAL A 86 -3.43 12.69 -13.56
N ARG A 87 -3.63 11.66 -14.36
CA ARG A 87 -2.52 10.95 -15.00
C ARG A 87 -1.68 11.92 -15.83
N LYS A 88 -2.38 12.72 -16.63
CA LYS A 88 -1.73 13.69 -17.48
C LYS A 88 -1.00 14.77 -16.66
N TRP A 89 -1.61 15.23 -15.56
CA TRP A 89 -0.96 16.23 -14.69
C TRP A 89 0.41 15.74 -14.22
N GLU A 90 0.43 14.53 -13.63
CA GLU A 90 1.64 13.83 -13.20
C GLU A 90 2.63 13.64 -14.34
N ALA A 91 2.19 12.89 -15.36
CA ALA A 91 2.99 12.53 -16.52
C ALA A 91 3.59 13.74 -17.24
N ASP A 92 2.90 14.88 -17.19
CA ASP A 92 3.43 16.11 -17.78
C ASP A 92 4.45 16.74 -16.84
N ALA A 93 4.29 16.46 -15.56
CA ALA A 93 5.26 16.91 -14.57
C ALA A 93 6.51 16.01 -14.59
N LYS A 94 6.39 14.77 -15.06
CA LYS A 94 7.54 13.85 -15.20
C LYS A 94 8.33 14.19 -16.46
N LYS A 95 7.58 14.51 -17.52
CA LYS A 95 8.14 15.04 -18.77
C LYS A 95 8.48 16.52 -18.64
N LYS A 96 8.61 16.99 -17.40
CA LYS A 96 9.25 18.26 -17.09
C LYS A 96 10.64 17.99 -16.52
N GLN A 97 11.50 17.39 -17.36
CA GLN A 97 12.91 17.16 -17.05
C GLN A 97 13.74 17.23 -18.33
N MET B 1 -20.23 -3.85 8.47
CA MET B 1 -20.67 -5.11 9.15
C MET B 1 -22.16 -5.43 8.90
N LYS B 2 -22.53 -6.69 8.62
CA LYS B 2 -21.61 -7.79 8.36
C LYS B 2 -21.52 -8.02 6.86
N LYS B 3 -20.35 -7.71 6.32
CA LYS B 3 -20.13 -7.73 4.90
C LYS B 3 -20.24 -9.16 4.35
N ARG B 4 -20.97 -9.31 3.24
CA ARG B 4 -21.17 -10.62 2.61
C ARG B 4 -21.39 -10.57 1.10
N LEU B 5 -21.20 -11.72 0.46
CA LEU B 5 -21.26 -11.83 -1.00
C LEU B 5 -21.91 -13.11 -1.48
N THR B 6 -22.47 -13.05 -2.68
CA THR B 6 -22.90 -14.24 -3.39
C THR B 6 -21.65 -14.86 -3.96
N GLU B 7 -21.73 -16.14 -4.35
CA GLU B 7 -20.62 -16.84 -4.99
C GLU B 7 -20.24 -16.16 -6.32
N SER B 8 -21.21 -15.47 -6.92
CA SER B 8 -21.00 -14.78 -8.18
C SER B 8 -20.27 -13.45 -7.99
N GLN B 9 -20.56 -12.71 -6.92
CA GLN B 9 -19.78 -11.50 -6.63
C GLN B 9 -18.40 -11.94 -6.22
N PHE B 10 -18.37 -12.98 -5.39
CA PHE B 10 -17.12 -13.56 -4.93
C PHE B 10 -16.21 -13.86 -6.14
N GLN B 11 -16.72 -14.57 -7.15
CA GLN B 11 -15.90 -14.85 -8.32
C GLN B 11 -15.45 -13.60 -9.09
N GLU B 12 -16.35 -12.62 -9.22
CA GLU B 12 -16.00 -11.34 -9.86
C GLU B 12 -14.85 -10.75 -9.09
N ALA B 13 -14.98 -10.79 -7.77
CA ALA B 13 -14.02 -10.17 -6.88
C ALA B 13 -12.58 -10.64 -7.12
N ILE B 14 -12.39 -11.95 -7.29
CA ILE B 14 -11.06 -12.54 -7.27
C ILE B 14 -10.49 -12.75 -8.67
N GLN B 15 -11.25 -12.29 -9.66
CA GLN B 15 -10.82 -12.48 -11.03
C GLN B 15 -9.72 -11.48 -11.29
N GLY B 16 -8.54 -11.96 -11.70
CA GLY B 16 -7.43 -11.08 -12.01
C GLY B 16 -6.57 -10.86 -10.77
N LEU B 17 -7.06 -11.31 -9.63
CA LEU B 17 -6.33 -11.20 -8.36
C LEU B 17 -5.42 -12.41 -8.14
N GLU B 18 -4.16 -12.15 -7.82
CA GLU B 18 -3.24 -13.25 -7.43
C GLU B 18 -3.59 -13.69 -6.03
N VAL B 19 -4.22 -14.86 -5.90
CA VAL B 19 -4.68 -15.31 -4.60
C VAL B 19 -4.69 -16.85 -4.57
N GLY B 20 -4.20 -17.42 -3.47
CA GLY B 20 -4.14 -18.87 -3.30
C GLY B 20 -5.46 -19.50 -2.87
N GLN B 21 -5.53 -20.82 -2.86
CA GLN B 21 -6.78 -21.52 -2.52
C GLN B 21 -7.16 -21.38 -1.05
N GLN B 22 -6.19 -21.31 -0.16
CA GLN B 22 -6.49 -21.08 1.24
C GLN B 22 -7.20 -19.74 1.48
N THR B 23 -6.72 -18.68 0.86
CA THR B 23 -7.35 -17.37 1.07
C THR B 23 -8.75 -17.46 0.51
N ILE B 24 -8.84 -18.01 -0.70
CA ILE B 24 -10.13 -18.30 -1.31
C ILE B 24 -11.12 -19.03 -0.39
N GLU B 25 -10.69 -20.15 0.19
CA GLU B 25 -11.53 -20.93 1.11
C GLU B 25 -12.01 -20.14 2.33
N ILE B 26 -11.11 -19.42 2.96
CA ILE B 26 -11.44 -18.62 4.13
C ILE B 26 -12.44 -17.55 3.70
N ALA B 27 -12.12 -16.85 2.62
CA ALA B 27 -12.97 -15.76 2.18
C ALA B 27 -14.35 -16.30 1.82
N ARG B 28 -14.39 -17.41 1.10
CA ARG B 28 -15.67 -18.02 0.71
C ARG B 28 -16.42 -18.38 1.99
N GLY B 29 -15.77 -19.12 2.87
CA GLY B 29 -16.36 -19.55 4.12
C GLY B 29 -17.04 -18.43 4.90
N VAL B 30 -16.41 -17.25 4.92
CA VAL B 30 -16.87 -16.13 5.70
C VAL B 30 -17.83 -15.23 4.92
N LEU B 31 -17.45 -14.81 3.72
CA LEU B 31 -18.25 -13.82 2.99
C LEU B 31 -19.46 -14.45 2.30
N VAL B 32 -19.35 -15.71 1.90
CA VAL B 32 -20.44 -16.39 1.21
C VAL B 32 -21.25 -17.25 2.18
N ASP B 33 -20.57 -18.22 2.81
CA ASP B 33 -21.20 -19.18 3.72
C ASP B 33 -21.51 -18.57 5.09
N GLY B 34 -21.06 -17.34 5.32
CA GLY B 34 -21.46 -16.60 6.51
C GLY B 34 -20.82 -17.10 7.79
N LYS B 35 -19.89 -18.04 7.67
CA LYS B 35 -19.25 -18.62 8.83
C LYS B 35 -18.37 -17.57 9.48
N PRO B 36 -18.04 -17.74 10.77
CA PRO B 36 -17.11 -16.82 11.45
C PRO B 36 -15.63 -17.17 11.23
N GLN B 37 -14.80 -16.14 11.24
CA GLN B 37 -13.35 -16.26 10.98
C GLN B 37 -12.68 -17.23 11.95
N ALA B 38 -13.14 -17.20 13.19
CA ALA B 38 -12.59 -18.03 14.25
C ALA B 38 -12.63 -19.52 13.89
N THR B 39 -13.64 -19.88 13.09
CA THR B 39 -13.78 -21.26 12.61
C THR B 39 -12.49 -21.67 11.88
N PHE B 40 -12.06 -20.82 10.94
CA PHE B 40 -10.93 -21.13 10.07
C PHE B 40 -9.60 -21.01 10.80
N ALA B 41 -9.56 -20.13 11.80
CA ALA B 41 -8.36 -19.98 12.60
C ALA B 41 -7.97 -21.30 13.22
N THR B 42 -8.96 -21.97 13.80
CA THR B 42 -8.71 -23.24 14.46
C THR B 42 -8.48 -24.35 13.44
N SER B 43 -9.38 -24.46 12.47
CA SER B 43 -9.37 -25.60 11.56
C SER B 43 -8.08 -25.63 10.74
N LEU B 44 -7.41 -24.47 10.64
CA LEU B 44 -6.19 -24.34 9.82
C LEU B 44 -4.98 -24.02 10.68
N GLY B 45 -5.22 -23.73 11.95
CA GLY B 45 -4.14 -23.45 12.87
C GLY B 45 -3.47 -22.13 12.53
N LEU B 46 -4.29 -21.12 12.27
CA LEU B 46 -3.81 -19.77 11.97
C LEU B 46 -4.24 -18.82 13.07
N THR B 47 -3.54 -17.69 13.18
CA THR B 47 -3.96 -16.61 14.08
C THR B 47 -5.19 -15.86 13.54
N ARG B 48 -5.89 -15.15 14.40
CA ARG B 48 -7.05 -14.38 13.98
C ARG B 48 -6.64 -13.31 12.97
N GLY B 49 -5.45 -12.74 13.17
CA GLY B 49 -4.94 -11.73 12.27
C GLY B 49 -4.81 -12.25 10.84
N ALA B 50 -4.33 -13.47 10.70
CA ALA B 50 -4.11 -14.01 9.38
C ALA B 50 -5.44 -14.21 8.67
N VAL B 51 -6.43 -14.70 9.41
CA VAL B 51 -7.75 -14.96 8.84
C VAL B 51 -8.39 -13.61 8.47
N SER B 52 -8.19 -12.64 9.35
CA SER B 52 -8.76 -11.32 9.17
C SER B 52 -8.17 -10.67 7.90
N GLN B 53 -6.90 -10.94 7.66
CA GLN B 53 -6.20 -10.49 6.46
C GLN B 53 -6.71 -11.19 5.22
N ALA B 54 -6.89 -12.49 5.32
CA ALA B 54 -7.38 -13.26 4.19
C ALA B 54 -8.73 -12.69 3.68
N VAL B 55 -9.67 -12.50 4.60
CA VAL B 55 -10.97 -11.95 4.26
C VAL B 55 -10.81 -10.55 3.65
N HIS B 56 -9.91 -9.76 4.21
CA HIS B 56 -9.66 -8.41 3.73
C HIS B 56 -9.17 -8.39 2.28
N ARG B 57 -8.24 -9.25 1.92
CA ARG B 57 -7.70 -9.22 0.57
C ARG B 57 -8.82 -9.37 -0.46
N VAL B 58 -9.79 -10.22 -0.16
CA VAL B 58 -10.85 -10.49 -1.12
C VAL B 58 -11.88 -9.37 -1.09
N TRP B 59 -12.20 -8.89 0.11
CA TRP B 59 -13.18 -7.82 0.23
C TRP B 59 -12.70 -6.57 -0.52
N ALA B 60 -11.46 -6.21 -0.31
CA ALA B 60 -10.89 -5.06 -0.97
C ALA B 60 -10.94 -5.28 -2.47
N ALA B 61 -10.77 -6.53 -2.89
CA ALA B 61 -10.80 -6.83 -4.31
C ALA B 61 -12.19 -6.58 -4.84
N PHE B 62 -13.20 -7.01 -4.08
CA PHE B 62 -14.59 -6.81 -4.46
C PHE B 62 -14.92 -5.33 -4.53
N GLU B 63 -14.48 -4.60 -3.52
CA GLU B 63 -14.70 -3.17 -3.47
C GLU B 63 -14.18 -2.51 -4.75
N ASP B 64 -12.98 -2.88 -5.16
CA ASP B 64 -12.42 -2.25 -6.32
C ASP B 64 -13.15 -2.58 -7.62
N LYS B 65 -14.02 -3.58 -7.59
CA LYS B 65 -14.66 -4.03 -8.81
C LYS B 65 -16.15 -3.73 -8.87
N ASN B 66 -16.73 -3.41 -7.72
CA ASN B 66 -18.09 -2.93 -7.64
C ASN B 66 -18.09 -1.42 -7.85
N LEU B 67 -16.92 -0.85 -8.16
CA LEU B 67 -16.88 0.58 -8.47
C LEU B 67 -17.63 0.80 -9.77
N PRO B 68 -18.24 1.99 -9.93
CA PRO B 68 -19.01 2.30 -11.13
C PRO B 68 -18.20 2.17 -12.41
N GLU B 69 -18.83 1.72 -13.50
CA GLU B 69 -18.13 1.54 -14.77
C GLU B 69 -17.26 2.74 -15.14
N GLY B 70 -16.04 2.49 -15.56
CA GLY B 70 -15.18 3.57 -15.97
C GLY B 70 -14.41 4.20 -14.81
N TYR B 71 -14.95 4.11 -13.58
CA TYR B 71 -14.33 4.76 -12.41
C TYR B 71 -13.06 4.05 -12.01
N ALA B 72 -12.04 4.82 -11.65
CA ALA B 72 -10.74 4.26 -11.31
C ALA B 72 -10.13 4.92 -10.08
N ARG B 73 -9.49 4.13 -9.22
CA ARG B 73 -8.82 4.72 -8.06
C ARG B 73 -7.50 5.25 -8.56
N VAL B 74 -7.15 6.45 -8.11
CA VAL B 74 -5.90 7.05 -8.57
C VAL B 74 -5.21 7.77 -7.44
N THR B 75 -3.89 7.82 -7.53
CA THR B 75 -3.12 8.45 -6.48
C THR B 75 -2.04 9.32 -7.10
N ALA B 76 -1.86 10.51 -6.50
CA ALA B 76 -0.89 11.44 -7.03
C ALA B 76 -0.48 12.49 -6.03
N VAL B 77 0.69 13.05 -6.31
CA VAL B 77 1.25 14.17 -5.59
C VAL B 77 1.17 15.36 -6.51
N LEU B 78 0.35 16.33 -6.10
CA LEU B 78 0.01 17.48 -6.90
C LEU B 78 0.17 18.76 -6.07
N PRO B 79 0.23 19.92 -6.74
CA PRO B 79 0.05 21.24 -6.12
C PRO B 79 -1.31 21.35 -5.43
N GLU B 80 -1.34 22.00 -4.28
CA GLU B 80 -2.52 22.06 -3.40
C GLU B 80 -3.76 22.32 -4.24
N HIS B 81 -3.69 23.32 -5.12
CA HIS B 81 -4.86 23.74 -5.87
C HIS B 81 -5.40 22.64 -6.78
N GLN B 82 -4.52 21.83 -7.32
CA GLN B 82 -4.96 20.71 -8.10
C GLN B 82 -5.49 19.65 -7.20
N ALA B 83 -4.92 19.53 -6.00
CA ALA B 83 -5.42 18.54 -5.06
C ALA B 83 -6.82 18.98 -4.61
N TYR B 84 -6.98 20.27 -4.39
CA TYR B 84 -8.29 20.84 -4.09
C TYR B 84 -9.30 20.41 -5.14
N ILE B 85 -8.91 20.53 -6.41
CA ILE B 85 -9.78 20.15 -7.53
C ILE B 85 -10.13 18.66 -7.48
N VAL B 86 -9.17 17.82 -7.13
CA VAL B 86 -9.45 16.40 -7.11
C VAL B 86 -10.40 16.10 -5.96
N ARG B 87 -10.17 16.69 -4.78
CA ARG B 87 -11.08 16.48 -3.65
C ARG B 87 -12.51 16.93 -3.94
N LYS B 88 -12.62 18.06 -4.64
CA LYS B 88 -13.90 18.60 -5.03
C LYS B 88 -14.62 17.58 -5.95
N TRP B 89 -13.90 17.12 -6.98
CA TRP B 89 -14.42 16.13 -7.91
C TRP B 89 -14.87 14.85 -7.20
N GLU B 90 -13.98 14.35 -6.34
CA GLU B 90 -14.17 13.10 -5.64
C GLU B 90 -15.35 13.16 -4.67
N ALA B 91 -15.66 14.36 -4.19
CA ALA B 91 -16.78 14.55 -3.29
C ALA B 91 -18.10 14.35 -4.04
N ASP B 92 -18.05 14.68 -5.33
CA ASP B 92 -19.20 14.62 -6.21
C ASP B 92 -19.44 13.14 -6.59
N ALA B 93 -20.32 12.50 -5.81
CA ALA B 93 -20.64 11.09 -5.95
C ALA B 93 -22.11 10.84 -5.56
#